data_2RUN
#
_entry.id   2RUN
#
_entity_poly.entity_id   1
_entity_poly.type   'polypeptide(L)'
_entity_poly.pdbx_seq_one_letter_code
;LGKYEQYIKWPWYVWLGF
;
_entity_poly.pdbx_strand_id   A
#
# COMPACT_ATOMS: atom_id res chain seq x y z
N LEU A 1 7.37 11.97 -0.37
CA LEU A 1 6.16 12.74 -0.58
C LEU A 1 4.95 12.06 0.08
N GLY A 2 4.81 10.77 -0.18
CA GLY A 2 3.69 10.02 0.39
C GLY A 2 2.63 9.69 -0.63
N LYS A 3 2.99 9.76 -1.90
CA LYS A 3 2.05 9.47 -2.98
C LYS A 3 2.14 7.99 -3.39
N TYR A 4 3.35 7.45 -3.37
CA TYR A 4 3.56 6.05 -3.73
C TYR A 4 3.04 5.12 -2.64
N GLU A 5 3.53 5.32 -1.42
CA GLU A 5 3.11 4.49 -0.30
C GLU A 5 1.61 4.61 -0.06
N GLN A 6 0.97 5.52 -0.79
CA GLN A 6 -0.47 5.74 -0.66
C GLN A 6 -1.24 4.91 -1.69
N TYR A 7 -0.66 4.77 -2.88
CA TYR A 7 -1.28 4.00 -3.95
C TYR A 7 -0.69 2.60 -4.04
N ILE A 8 0.53 2.45 -3.53
CA ILE A 8 1.21 1.17 -3.55
C ILE A 8 0.84 0.32 -2.34
N LYS A 9 0.20 0.95 -1.36
CA LYS A 9 -0.21 0.26 -0.15
C LYS A 9 -1.41 -0.64 -0.42
N TRP A 10 -1.98 -0.53 -1.62
CA TRP A 10 -3.13 -1.33 -2.00
C TRP A 10 -2.72 -2.77 -2.27
N PRO A 11 -1.82 -2.97 -3.25
CA PRO A 11 -1.33 -4.29 -3.62
C PRO A 11 -0.44 -4.91 -2.54
N TRP A 12 0.23 -4.06 -1.77
CA TRP A 12 1.11 -4.53 -0.71
C TRP A 12 0.30 -5.03 0.49
N TYR A 13 -0.96 -4.61 0.56
CA TYR A 13 -1.83 -5.01 1.65
C TYR A 13 -2.19 -6.49 1.55
N VAL A 14 -2.52 -6.93 0.34
CA VAL A 14 -2.88 -8.32 0.10
C VAL A 14 -1.97 -9.25 0.89
N TRP A 15 -0.72 -8.85 1.06
CA TRP A 15 0.25 -9.66 1.79
C TRP A 15 0.24 -9.32 3.28
N LEU A 16 0.40 -8.03 3.58
CA LEU A 16 0.41 -7.57 4.97
C LEU A 16 -0.53 -6.39 5.16
N GLY A 17 -1.56 -6.57 5.97
CA GLY A 17 -2.52 -5.51 6.22
C GLY A 17 -3.84 -5.74 5.51
N PHE A 18 -3.86 -6.73 4.62
CA PHE A 18 -5.08 -7.06 3.87
C PHE A 18 -6.28 -7.20 4.81
N LEU A 1 6.49 12.11 -1.66
CA LEU A 1 6.28 12.62 -0.31
C LEU A 1 4.98 12.07 0.28
N GLY A 2 4.77 10.76 0.10
CA GLY A 2 3.57 10.13 0.62
C GLY A 2 2.57 9.80 -0.46
N LYS A 3 3.04 9.77 -1.71
CA LYS A 3 2.18 9.46 -2.85
C LYS A 3 2.26 7.98 -3.20
N TYR A 4 3.47 7.41 -3.09
CA TYR A 4 3.69 6.01 -3.40
C TYR A 4 3.07 5.10 -2.32
N GLU A 5 3.44 5.36 -1.08
CA GLU A 5 2.94 4.57 0.04
C GLU A 5 1.42 4.70 0.15
N GLN A 6 0.84 5.59 -0.66
CA GLN A 6 -0.60 5.80 -0.65
C GLN A 6 -1.28 4.96 -1.72
N TYR A 7 -0.61 4.79 -2.84
CA TYR A 7 -1.16 4.00 -3.95
C TYR A 7 -0.55 2.60 -3.97
N ILE A 8 0.61 2.46 -3.33
CA ILE A 8 1.30 1.17 -3.27
C ILE A 8 0.82 0.35 -2.09
N LYS A 9 0.14 1.00 -1.16
CA LYS A 9 -0.38 0.33 0.03
C LYS A 9 -1.64 -0.46 -0.30
N TRP A 10 -2.14 -0.29 -1.52
CA TRP A 10 -3.34 -0.99 -1.96
C TRP A 10 -3.09 -2.48 -2.12
N PRO A 11 -2.11 -2.82 -2.98
CA PRO A 11 -1.74 -4.21 -3.24
C PRO A 11 -1.05 -4.86 -2.04
N TRP A 12 -0.16 -4.12 -1.40
CA TRP A 12 0.57 -4.62 -0.25
C TRP A 12 -0.38 -5.23 0.77
N TYR A 13 -1.58 -4.67 0.86
CA TYR A 13 -2.59 -5.15 1.80
C TYR A 13 -2.63 -6.67 1.81
N VAL A 14 -2.88 -7.25 0.64
CA VAL A 14 -2.96 -8.71 0.52
C VAL A 14 -1.87 -9.39 1.34
N TRP A 15 -0.71 -8.74 1.41
CA TRP A 15 0.42 -9.29 2.17
C TRP A 15 0.37 -8.83 3.63
N LEU A 16 0.29 -7.52 3.83
CA LEU A 16 0.24 -6.97 5.18
C LEU A 16 -0.93 -5.99 5.32
N GLY A 17 -1.85 -6.32 6.22
CA GLY A 17 -3.00 -5.46 6.45
C GLY A 17 -4.25 -5.99 5.77
N PHE A 18 -4.09 -7.05 4.98
CA PHE A 18 -5.22 -7.65 4.27
C PHE A 18 -6.38 -7.90 5.22
N LEU A 1 7.31 12.12 0.47
CA LEU A 1 6.16 12.76 -0.14
C LEU A 1 4.86 12.16 0.40
N GLY A 2 4.81 10.84 0.48
CA GLY A 2 3.62 10.17 0.98
C GLY A 2 2.63 9.86 -0.12
N LYS A 3 3.09 9.88 -1.37
CA LYS A 3 2.24 9.60 -2.52
C LYS A 3 2.32 8.13 -2.91
N TYR A 4 3.52 7.56 -2.80
CA TYR A 4 3.74 6.16 -3.15
C TYR A 4 3.12 5.23 -2.10
N GLU A 5 3.49 5.45 -0.84
CA GLU A 5 2.97 4.65 0.26
C GLU A 5 1.46 4.77 0.37
N GLN A 6 0.89 5.67 -0.42
CA GLN A 6 -0.55 5.89 -0.41
C GLN A 6 -1.23 5.07 -1.50
N TYR A 7 -0.56 4.93 -2.64
CA TYR A 7 -1.10 4.17 -3.75
C TYR A 7 -0.49 2.77 -3.81
N ILE A 8 0.67 2.61 -3.17
CA ILE A 8 1.35 1.33 -3.14
C ILE A 8 0.87 0.46 -1.98
N LYS A 9 0.18 1.10 -1.03
CA LYS A 9 -0.33 0.41 0.13
C LYS A 9 -1.60 -0.37 -0.21
N TRP A 10 -2.09 -0.17 -1.43
CA TRP A 10 -3.30 -0.85 -1.89
C TRP A 10 -3.04 -2.35 -2.09
N PRO A 11 -2.06 -2.67 -2.95
CA PRO A 11 -1.69 -4.06 -3.25
C PRO A 11 -1.01 -4.74 -2.07
N TRP A 12 -0.11 -4.01 -1.41
CA TRP A 12 0.61 -4.54 -0.26
C TRP A 12 -0.35 -5.17 0.75
N TYR A 13 -1.54 -4.61 0.84
CA TYR A 13 -2.55 -5.11 1.77
C TYR A 13 -2.61 -6.64 1.74
N VAL A 14 -2.85 -7.20 0.56
CA VAL A 14 -2.92 -8.64 0.39
C VAL A 14 -1.84 -9.35 1.19
N TRP A 15 -0.68 -8.70 1.30
CA TRP A 15 0.45 -9.26 2.03
C TRP A 15 0.40 -8.85 3.50
N LEU A 16 0.32 -7.55 3.74
CA LEU A 16 0.27 -7.02 5.11
C LEU A 16 -0.90 -6.05 5.27
N GLY A 17 -1.81 -6.39 6.17
CA GLY A 17 -2.97 -5.55 6.40
C GLY A 17 -4.22 -6.06 5.72
N PHE A 18 -4.07 -7.10 4.90
CA PHE A 18 -5.18 -7.68 4.18
C PHE A 18 -6.35 -7.96 5.11
N LEU A 1 6.90 11.55 -1.54
CA LEU A 1 6.44 12.42 -0.46
C LEU A 1 5.14 11.90 0.14
N GLY A 2 4.93 10.59 0.03
CA GLY A 2 3.71 9.99 0.57
C GLY A 2 2.69 9.67 -0.51
N LYS A 3 3.16 9.62 -1.75
CA LYS A 3 2.28 9.32 -2.88
C LYS A 3 2.34 7.84 -3.24
N TYR A 4 3.53 7.26 -3.13
CA TYR A 4 3.74 5.85 -3.45
C TYR A 4 3.12 4.96 -2.37
N GLU A 5 3.50 5.21 -1.12
CA GLU A 5 2.99 4.43 0.00
C GLU A 5 1.48 4.57 0.12
N GLN A 6 0.91 5.48 -0.68
CA GLN A 6 -0.53 5.71 -0.66
C GLN A 6 -1.23 4.87 -1.72
N TYR A 7 -0.58 4.69 -2.86
CA TYR A 7 -1.14 3.91 -3.96
C TYR A 7 -0.55 2.50 -3.98
N ILE A 8 0.61 2.34 -3.35
CA ILE A 8 1.28 1.05 -3.31
C ILE A 8 0.80 0.23 -2.11
N LYS A 9 0.14 0.90 -1.17
CA LYS A 9 -0.38 0.23 0.02
C LYS A 9 -1.65 -0.54 -0.30
N TRP A 10 -2.16 -0.36 -1.51
CA TRP A 10 -3.38 -1.04 -1.94
C TRP A 10 -3.14 -2.54 -2.10
N PRO A 11 -2.18 -2.89 -2.97
CA PRO A 11 -1.84 -4.29 -3.24
C PRO A 11 -1.13 -4.95 -2.06
N TRP A 12 -0.23 -4.22 -1.42
CA TRP A 12 0.50 -4.74 -0.27
C TRP A 12 -0.45 -5.33 0.76
N TYR A 13 -1.64 -4.75 0.86
CA TYR A 13 -2.64 -5.22 1.81
C TYR A 13 -2.72 -6.74 1.82
N VAL A 14 -2.99 -7.32 0.65
CA VAL A 14 -3.08 -8.77 0.52
C VAL A 14 -1.99 -9.47 1.33
N TRP A 15 -0.82 -8.84 1.40
CA TRP A 15 0.30 -9.40 2.15
C TRP A 15 0.27 -8.95 3.60
N LEU A 16 0.23 -7.64 3.81
CA LEU A 16 0.19 -7.08 5.16
C LEU A 16 -0.97 -6.09 5.31
N GLY A 17 -1.87 -6.40 6.23
CA GLY A 17 -3.03 -5.53 6.45
C GLY A 17 -4.29 -6.05 5.79
N PHE A 18 -4.14 -7.11 5.00
CA PHE A 18 -5.28 -7.70 4.30
C PHE A 18 -6.44 -7.93 5.26
N LEU A 1 5.99 12.95 -2.21
CA LEU A 1 6.11 12.70 -0.78
C LEU A 1 4.81 12.16 -0.20
N GLY A 2 4.63 10.85 -0.25
CA GLY A 2 3.43 10.24 0.28
C GLY A 2 2.45 9.87 -0.82
N LYS A 3 2.94 9.78 -2.05
CA LYS A 3 2.10 9.43 -3.18
C LYS A 3 2.20 7.95 -3.50
N TYR A 4 3.40 7.39 -3.35
CA TYR A 4 3.64 5.99 -3.63
C TYR A 4 3.02 5.11 -2.53
N GLU A 5 3.38 5.40 -1.29
CA GLU A 5 2.86 4.64 -0.16
C GLU A 5 1.34 4.76 -0.06
N GLN A 6 0.77 5.62 -0.90
CA GLN A 6 -0.67 5.83 -0.93
C GLN A 6 -1.34 4.93 -1.97
N TYR A 7 -0.65 4.74 -3.10
CA TYR A 7 -1.18 3.91 -4.17
C TYR A 7 -0.55 2.52 -4.15
N ILE A 8 0.60 2.41 -3.50
CA ILE A 8 1.30 1.13 -3.39
C ILE A 8 0.81 0.33 -2.18
N LYS A 9 0.11 1.02 -1.28
CA LYS A 9 -0.42 0.37 -0.07
C LYS A 9 -1.67 -0.44 -0.40
N TRP A 10 -2.14 -0.31 -1.63
CA TRP A 10 -3.34 -1.03 -2.06
C TRP A 10 -3.06 -2.52 -2.18
N PRO A 11 -2.07 -2.88 -3.02
CA PRO A 11 -1.69 -4.28 -3.23
C PRO A 11 -1.01 -4.89 -2.01
N TRP A 12 -0.13 -4.12 -1.38
CA TRP A 12 0.58 -4.58 -0.21
C TRP A 12 -0.37 -5.17 0.83
N TYR A 13 -1.58 -4.61 0.88
CA TYR A 13 -2.59 -5.07 1.82
C TYR A 13 -2.62 -6.60 1.88
N VAL A 14 -2.85 -7.22 0.73
CA VAL A 14 -2.91 -8.67 0.64
C VAL A 14 -1.82 -9.32 1.49
N TRP A 15 -0.67 -8.67 1.57
CA TRP A 15 0.45 -9.17 2.35
C TRP A 15 0.38 -8.68 3.79
N LEU A 16 0.29 -7.36 3.96
CA LEU A 16 0.21 -6.76 5.29
C LEU A 16 -0.98 -5.80 5.38
N GLY A 17 -1.90 -6.11 6.29
CA GLY A 17 -3.06 -5.25 6.47
C GLY A 17 -4.30 -5.82 5.80
N PHE A 18 -4.11 -6.90 5.03
CA PHE A 18 -5.22 -7.54 4.34
C PHE A 18 -6.39 -7.77 5.27
N LEU A 1 6.06 13.21 -2.20
CA LEU A 1 6.29 12.67 -0.87
C LEU A 1 5.00 12.15 -0.26
N GLY A 2 4.85 10.83 -0.24
CA GLY A 2 3.66 10.22 0.32
C GLY A 2 2.63 9.87 -0.74
N LYS A 3 3.08 9.80 -1.99
CA LYS A 3 2.19 9.48 -3.10
C LYS A 3 2.26 7.99 -3.43
N TYR A 4 3.46 7.42 -3.33
CA TYR A 4 3.67 6.01 -3.63
C TYR A 4 3.08 5.13 -2.52
N GLU A 5 3.46 5.40 -1.29
CA GLU A 5 2.98 4.65 -0.15
C GLU A 5 1.46 4.78 -0.01
N GLN A 6 0.88 5.65 -0.82
CA GLN A 6 -0.56 5.88 -0.79
C GLN A 6 -1.27 5.01 -1.82
N TYR A 7 -0.62 4.82 -2.97
CA TYR A 7 -1.19 4.01 -4.04
C TYR A 7 -0.59 2.61 -4.05
N ILE A 8 0.58 2.48 -3.44
CA ILE A 8 1.26 1.20 -3.37
C ILE A 8 0.80 0.38 -2.16
N LYS A 9 0.15 1.06 -1.22
CA LYS A 9 -0.35 0.41 -0.02
C LYS A 9 -1.63 -0.38 -0.31
N TRP A 10 -2.15 -0.23 -1.53
CA TRP A 10 -3.36 -0.92 -1.93
C TRP A 10 -3.11 -2.42 -2.07
N PRO A 11 -2.16 -2.78 -2.95
CA PRO A 11 -1.80 -4.18 -3.20
C PRO A 11 -1.09 -4.81 -2.01
N TRP A 12 -0.18 -4.07 -1.40
CA TRP A 12 0.57 -4.56 -0.24
C TRP A 12 -0.37 -5.14 0.80
N TYR A 13 -1.57 -4.58 0.90
CA TYR A 13 -2.55 -5.03 1.87
C TYR A 13 -2.61 -6.56 1.90
N VAL A 14 -2.89 -7.16 0.75
CA VAL A 14 -2.97 -8.61 0.65
C VAL A 14 -1.87 -9.29 1.45
N TRP A 15 -0.70 -8.65 1.50
CA TRP A 15 0.44 -9.18 2.23
C TRP A 15 0.41 -8.71 3.69
N LEU A 16 0.36 -7.40 3.88
CA LEU A 16 0.33 -6.82 5.21
C LEU A 16 -0.84 -5.85 5.37
N GLY A 17 -1.74 -6.15 6.31
CA GLY A 17 -2.88 -5.29 6.53
C GLY A 17 -4.15 -5.82 5.88
N PHE A 18 -4.01 -6.89 5.11
CA PHE A 18 -5.14 -7.50 4.43
C PHE A 18 -6.30 -7.74 5.39
N LEU A 1 5.75 13.03 -2.27
CA LEU A 1 5.97 12.66 -0.89
C LEU A 1 4.71 12.04 -0.28
N GLY A 2 4.66 10.71 -0.28
CA GLY A 2 3.51 10.02 0.28
C GLY A 2 2.49 9.65 -0.78
N LYS A 3 2.92 9.66 -2.03
CA LYS A 3 2.04 9.31 -3.14
C LYS A 3 2.11 7.83 -3.48
N TYR A 4 3.32 7.27 -3.37
CA TYR A 4 3.53 5.87 -3.66
C TYR A 4 2.95 4.98 -2.57
N GLU A 5 3.35 5.26 -1.32
CA GLU A 5 2.86 4.50 -0.18
C GLU A 5 1.35 4.62 -0.04
N GLN A 6 0.75 5.49 -0.85
CA GLN A 6 -0.69 5.70 -0.82
C GLN A 6 -1.39 4.82 -1.86
N TYR A 7 -0.75 4.64 -2.99
CA TYR A 7 -1.31 3.83 -4.07
C TYR A 7 -0.70 2.43 -4.07
N ILE A 8 0.48 2.31 -3.46
CA ILE A 8 1.17 1.02 -3.38
C ILE A 8 0.72 0.22 -2.17
N LYS A 9 0.06 0.89 -1.24
CA LYS A 9 -0.43 0.24 -0.03
C LYS A 9 -1.70 -0.56 -0.32
N TRP A 10 -2.22 -0.42 -1.54
CA TRP A 10 -3.43 -1.12 -1.94
C TRP A 10 -3.17 -2.62 -2.08
N PRO A 11 -2.21 -2.98 -2.95
CA PRO A 11 -1.83 -4.37 -3.20
C PRO A 11 -1.12 -5.00 -2.01
N TRP A 12 -0.22 -4.24 -1.40
CA TRP A 12 0.53 -4.72 -0.25
C TRP A 12 -0.40 -5.30 0.80
N TYR A 13 -1.60 -4.75 0.90
CA TYR A 13 -2.58 -5.22 1.87
C TYR A 13 -2.63 -6.75 1.91
N VAL A 14 -2.90 -7.35 0.76
CA VAL A 14 -2.97 -8.81 0.66
C VAL A 14 -1.85 -9.47 1.47
N TRP A 15 -0.70 -8.81 1.51
CA TRP A 15 0.45 -9.34 2.25
C TRP A 15 0.42 -8.87 3.71
N LEU A 16 0.35 -7.56 3.89
CA LEU A 16 0.32 -6.97 5.23
C LEU A 16 -0.86 -6.00 5.37
N GLY A 17 -1.76 -6.31 6.30
CA GLY A 17 -2.91 -5.46 6.52
C GLY A 17 -4.17 -6.01 5.90
N PHE A 18 -4.02 -7.08 5.12
CA PHE A 18 -5.15 -7.70 4.44
C PHE A 18 -6.29 -7.94 5.42
N LEU A 1 6.86 11.77 -1.45
CA LEU A 1 6.53 12.50 -0.23
C LEU A 1 5.23 11.98 0.37
N GLY A 2 4.95 10.71 0.16
CA GLY A 2 3.74 10.12 0.70
C GLY A 2 2.72 9.79 -0.38
N LYS A 3 3.19 9.73 -1.62
CA LYS A 3 2.31 9.43 -2.75
C LYS A 3 2.39 7.95 -3.12
N TYR A 4 3.58 7.38 -3.01
CA TYR A 4 3.78 5.97 -3.33
C TYR A 4 3.18 5.07 -2.25
N GLU A 5 3.55 5.32 -1.00
CA GLU A 5 3.04 4.55 0.12
C GLU A 5 1.52 4.67 0.23
N GLN A 6 0.95 5.57 -0.57
CA GLN A 6 -0.48 5.80 -0.55
C GLN A 6 -1.19 4.95 -1.62
N TYR A 7 -0.52 4.78 -2.76
CA TYR A 7 -1.08 4.01 -3.85
C TYR A 7 -0.48 2.60 -3.88
N ILE A 8 0.68 2.45 -3.24
CA ILE A 8 1.37 1.16 -3.20
C ILE A 8 0.87 0.33 -2.01
N LYS A 9 0.20 0.98 -1.08
CA LYS A 9 -0.32 0.30 0.11
C LYS A 9 -1.59 -0.47 -0.23
N TRP A 10 -2.09 -0.29 -1.45
CA TRP A 10 -3.29 -0.97 -1.89
C TRP A 10 -3.05 -2.47 -2.07
N PRO A 11 -2.07 -2.80 -2.93
CA PRO A 11 -1.72 -4.20 -3.20
C PRO A 11 -1.03 -4.87 -2.02
N TRP A 12 -0.13 -4.14 -1.37
CA TRP A 12 0.59 -4.66 -0.23
C TRP A 12 -0.37 -5.26 0.80
N TYR A 13 -1.56 -4.70 0.89
CA TYR A 13 -2.57 -5.18 1.83
C TYR A 13 -2.63 -6.70 1.82
N VAL A 14 -2.88 -7.28 0.65
CA VAL A 14 -2.97 -8.72 0.50
C VAL A 14 -1.89 -9.42 1.31
N TRP A 15 -0.72 -8.79 1.40
CA TRP A 15 0.40 -9.34 2.15
C TRP A 15 0.35 -8.90 3.60
N LEU A 16 0.29 -7.60 3.83
CA LEU A 16 0.25 -7.06 5.18
C LEU A 16 -0.92 -6.08 5.33
N GLY A 17 -1.83 -6.40 6.24
CA GLY A 17 -2.99 -5.54 6.47
C GLY A 17 -4.24 -6.06 5.79
N PHE A 18 -4.08 -7.11 4.98
CA PHE A 18 -5.21 -7.69 4.28
C PHE A 18 -6.38 -7.94 5.22
N LEU A 1 5.94 12.69 -2.88
CA LEU A 1 6.01 12.62 -1.43
C LEU A 1 4.72 12.03 -0.85
N GLY A 2 4.76 10.75 -0.53
CA GLY A 2 3.59 10.10 0.04
C GLY A 2 2.57 9.70 -1.03
N LYS A 3 3.02 9.65 -2.27
CA LYS A 3 2.15 9.29 -3.39
C LYS A 3 2.24 7.79 -3.67
N TYR A 4 3.44 7.24 -3.54
CA TYR A 4 3.66 5.83 -3.79
C TYR A 4 3.07 4.97 -2.68
N GLU A 5 3.44 5.29 -1.44
CA GLU A 5 2.94 4.55 -0.28
C GLU A 5 1.43 4.68 -0.17
N GLN A 6 0.84 5.52 -1.01
CA GLN A 6 -0.60 5.74 -1.00
C GLN A 6 -1.29 4.83 -2.01
N TYR A 7 -0.63 4.62 -3.15
CA TYR A 7 -1.18 3.77 -4.20
C TYR A 7 -0.56 2.38 -4.16
N ILE A 8 0.60 2.27 -3.53
CA ILE A 8 1.30 1.00 -3.42
C ILE A 8 0.83 0.22 -2.20
N LYS A 9 0.14 0.91 -1.29
CA LYS A 9 -0.36 0.28 -0.07
C LYS A 9 -1.62 -0.52 -0.37
N TRP A 10 -2.12 -0.41 -1.60
CA TRP A 10 -3.32 -1.12 -2.00
C TRP A 10 -3.06 -2.63 -2.10
N PRO A 11 -2.09 -3.00 -2.95
CA PRO A 11 -1.71 -4.40 -3.16
C PRO A 11 -1.01 -5.00 -1.95
N TRP A 12 -0.12 -4.22 -1.34
CA TRP A 12 0.61 -4.68 -0.16
C TRP A 12 -0.33 -5.24 0.89
N TYR A 13 -1.53 -4.69 0.96
CA TYR A 13 -2.53 -5.14 1.92
C TYR A 13 -2.58 -6.66 1.98
N VAL A 14 -2.83 -7.30 0.84
CA VAL A 14 -2.89 -8.75 0.77
C VAL A 14 -1.79 -9.39 1.61
N TRP A 15 -0.64 -8.74 1.67
CA TRP A 15 0.49 -9.25 2.44
C TRP A 15 0.44 -8.74 3.87
N LEU A 16 0.37 -7.42 4.03
CA LEU A 16 0.31 -6.82 5.36
C LEU A 16 -0.86 -5.85 5.45
N GLY A 17 -1.77 -6.13 6.38
CA GLY A 17 -2.93 -5.28 6.57
C GLY A 17 -4.18 -5.85 5.93
N PHE A 18 -4.02 -6.93 5.18
CA PHE A 18 -5.14 -7.58 4.50
C PHE A 18 -6.30 -7.80 5.46
N LEU A 1 7.55 11.89 0.17
CA LEU A 1 6.42 12.53 -0.50
C LEU A 1 5.09 12.02 0.04
N GLY A 2 5.00 10.71 0.23
CA GLY A 2 3.78 10.11 0.74
C GLY A 2 2.80 9.79 -0.36
N LYS A 3 3.27 9.73 -1.59
CA LYS A 3 2.42 9.43 -2.74
C LYS A 3 2.50 7.95 -3.10
N TYR A 4 3.68 7.37 -2.97
CA TYR A 4 3.88 5.96 -3.29
C TYR A 4 3.26 5.08 -2.21
N GLU A 5 3.60 5.32 -0.96
CA GLU A 5 3.08 4.55 0.15
C GLU A 5 1.57 4.69 0.24
N GLN A 6 1.00 5.58 -0.57
CA GLN A 6 -0.44 5.81 -0.58
C GLN A 6 -1.11 4.97 -1.65
N TYR A 7 -0.44 4.80 -2.78
CA TYR A 7 -0.97 4.01 -3.89
C TYR A 7 -0.37 2.60 -3.90
N ILE A 8 0.77 2.46 -3.24
CA ILE A 8 1.45 1.16 -3.18
C ILE A 8 0.94 0.33 -2.01
N LYS A 9 0.24 0.98 -1.09
CA LYS A 9 -0.30 0.30 0.08
C LYS A 9 -1.57 -0.46 -0.29
N TRP A 10 -2.03 -0.28 -1.52
CA TRP A 10 -3.24 -0.96 -1.99
C TRP A 10 -2.99 -2.45 -2.16
N PRO A 11 -2.00 -2.79 -3.00
CA PRO A 11 -1.64 -4.19 -3.29
C PRO A 11 -0.98 -4.87 -2.08
N TRP A 12 -0.09 -4.13 -1.42
CA TRP A 12 0.60 -4.66 -0.24
C TRP A 12 -0.37 -5.27 0.75
N TYR A 13 -1.57 -4.69 0.82
CA TYR A 13 -2.60 -5.18 1.73
C TYR A 13 -2.67 -6.70 1.72
N VAL A 14 -2.89 -7.27 0.54
CA VAL A 14 -2.97 -8.72 0.38
C VAL A 14 -1.91 -9.42 1.22
N TRP A 15 -0.74 -8.79 1.33
CA TRP A 15 0.36 -9.35 2.10
C TRP A 15 0.27 -8.92 3.56
N LEU A 16 0.21 -7.61 3.79
CA LEU A 16 0.14 -7.07 5.14
C LEU A 16 -1.03 -6.10 5.27
N GLY A 17 -1.96 -6.41 6.16
CA GLY A 17 -3.12 -5.56 6.36
C GLY A 17 -4.36 -6.07 5.65
N PHE A 18 -4.19 -7.11 4.85
CA PHE A 18 -5.30 -7.70 4.11
C PHE A 18 -6.49 -7.96 5.04
N LEU A 1 7.52 11.73 -0.32
CA LEU A 1 6.38 12.65 -0.48
C LEU A 1 5.11 12.04 0.10
N GLY A 2 4.99 10.73 0.00
CA GLY A 2 3.82 10.04 0.52
C GLY A 2 2.81 9.69 -0.55
N LYS A 3 3.27 9.70 -1.81
CA LYS A 3 2.40 9.39 -2.93
C LYS A 3 2.47 7.90 -3.28
N TYR A 4 3.66 7.33 -3.15
CA TYR A 4 3.85 5.91 -3.44
C TYR A 4 3.24 5.03 -2.36
N GLU A 5 3.60 5.31 -1.12
CA GLU A 5 3.09 4.55 0.02
C GLU A 5 1.57 4.69 0.12
N GLN A 6 1.00 5.57 -0.70
CA GLN A 6 -0.44 5.80 -0.71
C GLN A 6 -1.13 4.94 -1.76
N TYR A 7 -0.46 4.75 -2.89
CA TYR A 7 -1.01 3.95 -3.98
C TYR A 7 -0.40 2.55 -3.98
N ILE A 8 0.74 2.41 -3.32
CA ILE A 8 1.43 1.11 -3.25
C ILE A 8 0.92 0.30 -2.07
N LYS A 9 0.23 0.97 -1.14
CA LYS A 9 -0.31 0.30 0.04
C LYS A 9 -1.57 -0.47 -0.31
N TRP A 10 -2.05 -0.30 -1.53
CA TRP A 10 -3.26 -0.98 -1.99
C TRP A 10 -3.01 -2.47 -2.14
N PRO A 11 -2.03 -2.83 -2.99
CA PRO A 11 -1.68 -4.23 -3.25
C PRO A 11 -1.01 -4.89 -2.04
N TRP A 12 -0.11 -4.16 -1.40
CA TRP A 12 0.59 -4.67 -0.23
C TRP A 12 -0.39 -5.26 0.78
N TYR A 13 -1.58 -4.68 0.86
CA TYR A 13 -2.60 -5.16 1.79
C TYR A 13 -2.67 -6.68 1.79
N VAL A 14 -2.90 -7.26 0.61
CA VAL A 14 -2.99 -8.71 0.48
C VAL A 14 -1.92 -9.40 1.32
N TRP A 15 -0.75 -8.77 1.42
CA TRP A 15 0.35 -9.32 2.18
C TRP A 15 0.28 -8.87 3.64
N LEU A 16 0.22 -7.57 3.85
CA LEU A 16 0.16 -7.01 5.19
C LEU A 16 -1.01 -6.03 5.32
N GLY A 17 -1.94 -6.33 6.22
CA GLY A 17 -3.08 -5.47 6.42
C GLY A 17 -4.33 -5.99 5.73
N PHE A 18 -4.17 -7.05 4.94
CA PHE A 18 -5.28 -7.64 4.22
C PHE A 18 -6.47 -7.89 5.15
N LEU A 1 6.43 11.82 -2.13
CA LEU A 1 5.98 12.59 -0.98
C LEU A 1 4.68 12.03 -0.42
N GLY A 2 4.64 10.71 -0.23
CA GLY A 2 3.46 10.07 0.29
C GLY A 2 2.47 9.69 -0.78
N LYS A 3 2.94 9.63 -2.03
CA LYS A 3 2.09 9.27 -3.15
C LYS A 3 2.20 7.78 -3.47
N TYR A 4 3.40 7.24 -3.32
CA TYR A 4 3.64 5.82 -3.58
C TYR A 4 3.03 4.96 -2.49
N GLU A 5 3.37 5.26 -1.24
CA GLU A 5 2.86 4.50 -0.10
C GLU A 5 1.34 4.62 -0.01
N GLN A 6 0.77 5.47 -0.86
CA GLN A 6 -0.67 5.67 -0.87
C GLN A 6 -1.33 4.77 -1.92
N TYR A 7 -0.65 4.57 -3.05
CA TYR A 7 -1.17 3.74 -4.12
C TYR A 7 -0.54 2.36 -4.09
N ILE A 8 0.60 2.25 -3.42
CA ILE A 8 1.31 0.98 -3.32
C ILE A 8 0.82 0.17 -2.12
N LYS A 9 0.11 0.83 -1.22
CA LYS A 9 -0.43 0.19 -0.03
C LYS A 9 -1.68 -0.62 -0.37
N TRP A 10 -2.14 -0.49 -1.60
CA TRP A 10 -3.33 -1.21 -2.06
C TRP A 10 -3.05 -2.70 -2.18
N PRO A 11 -2.05 -3.06 -3.01
CA PRO A 11 -1.66 -4.44 -3.23
C PRO A 11 -0.99 -5.06 -2.01
N TRP A 12 -0.12 -4.29 -1.37
CA TRP A 12 0.59 -4.77 -0.18
C TRP A 12 -0.38 -5.36 0.84
N TYR A 13 -1.59 -4.81 0.88
CA TYR A 13 -2.61 -5.28 1.81
C TYR A 13 -2.64 -6.82 1.84
N VAL A 14 -2.85 -7.42 0.69
CA VAL A 14 -2.90 -8.88 0.58
C VAL A 14 -1.82 -9.53 1.44
N TRP A 15 -0.68 -8.87 1.53
CA TRP A 15 0.44 -9.38 2.32
C TRP A 15 0.36 -8.90 3.77
N LEU A 16 0.26 -7.59 3.94
CA LEU A 16 0.16 -7.00 5.28
C LEU A 16 -1.02 -6.05 5.38
N GLY A 17 -1.96 -6.36 6.27
CA GLY A 17 -3.13 -5.52 6.45
C GLY A 17 -4.35 -6.09 5.76
N PHE A 18 -4.16 -7.15 4.99
CA PHE A 18 -5.26 -7.78 4.27
C PHE A 18 -6.44 -8.04 5.19
N LEU A 1 6.70 11.55 -1.86
CA LEU A 1 6.03 12.54 -1.03
C LEU A 1 4.70 12.01 -0.51
N GLY A 2 4.69 10.75 -0.08
CA GLY A 2 3.48 10.16 0.44
C GLY A 2 2.50 9.78 -0.66
N LYS A 3 3.00 9.70 -1.89
CA LYS A 3 2.16 9.34 -3.03
C LYS A 3 2.27 7.85 -3.35
N TYR A 4 3.46 7.30 -3.19
CA TYR A 4 3.70 5.89 -3.47
C TYR A 4 3.08 5.02 -2.38
N GLU A 5 3.41 5.32 -1.12
CA GLU A 5 2.89 4.56 0.00
C GLU A 5 1.36 4.67 0.07
N GLN A 6 0.81 5.53 -0.77
CA GLN A 6 -0.65 5.73 -0.80
C GLN A 6 -1.29 4.83 -1.86
N TYR A 7 -0.59 4.65 -2.98
CA TYR A 7 -1.10 3.82 -4.07
C TYR A 7 -0.47 2.44 -4.03
N ILE A 8 0.66 2.32 -3.36
CA ILE A 8 1.36 1.05 -3.25
C ILE A 8 0.86 0.24 -2.06
N LYS A 9 0.14 0.90 -1.16
CA LYS A 9 -0.42 0.24 0.01
C LYS A 9 -1.66 -0.57 -0.34
N TRP A 10 -2.11 -0.42 -1.58
CA TRP A 10 -3.29 -1.14 -2.05
C TRP A 10 -3.01 -2.63 -2.18
N PRO A 11 -2.00 -2.98 -3.00
CA PRO A 11 -1.61 -4.37 -3.22
C PRO A 11 -0.95 -5.00 -2.00
N TRP A 12 -0.09 -4.23 -1.35
CA TRP A 12 0.61 -4.71 -0.15
C TRP A 12 -0.37 -5.31 0.85
N TYR A 13 -1.58 -4.76 0.89
CA TYR A 13 -2.61 -5.25 1.80
C TYR A 13 -2.64 -6.77 1.83
N VAL A 14 -2.85 -7.37 0.66
CA VAL A 14 -2.90 -8.82 0.55
C VAL A 14 -1.82 -9.48 1.41
N TRP A 15 -0.68 -8.82 1.52
CA TRP A 15 0.42 -9.34 2.32
C TRP A 15 0.32 -8.87 3.76
N LEU A 16 0.23 -7.56 3.95
CA LEU A 16 0.12 -6.98 5.29
C LEU A 16 -1.07 -6.02 5.37
N GLY A 17 -2.00 -6.34 6.26
CA GLY A 17 -3.18 -5.51 6.43
C GLY A 17 -4.40 -6.06 5.73
N PHE A 18 -4.20 -7.12 4.95
CA PHE A 18 -5.29 -7.75 4.21
C PHE A 18 -6.48 -8.01 5.13
N LEU A 1 5.35 13.37 -2.38
CA LEU A 1 5.68 12.73 -1.10
C LEU A 1 4.44 12.06 -0.49
N GLY A 2 4.45 10.74 -0.46
CA GLY A 2 3.33 10.00 0.11
C GLY A 2 2.32 9.59 -0.95
N LYS A 3 2.74 9.61 -2.21
CA LYS A 3 1.87 9.24 -3.31
C LYS A 3 1.98 7.74 -3.62
N TYR A 4 3.18 7.21 -3.50
CA TYR A 4 3.42 5.79 -3.76
C TYR A 4 2.84 4.93 -2.64
N GLU A 5 3.22 5.25 -1.41
CA GLU A 5 2.74 4.50 -0.25
C GLU A 5 1.22 4.60 -0.12
N GLN A 6 0.63 5.44 -0.96
CA GLN A 6 -0.82 5.63 -0.94
C GLN A 6 -1.50 4.72 -1.96
N TYR A 7 -0.84 4.52 -3.09
CA TYR A 7 -1.38 3.67 -4.15
C TYR A 7 -0.74 2.29 -4.13
N ILE A 8 0.42 2.20 -3.49
CA ILE A 8 1.14 0.93 -3.39
C ILE A 8 0.68 0.13 -2.17
N LYS A 9 -0.01 0.80 -1.26
CA LYS A 9 -0.52 0.16 -0.05
C LYS A 9 -1.76 -0.67 -0.36
N TRP A 10 -2.27 -0.55 -1.58
CA TRP A 10 -3.45 -1.28 -2.01
C TRP A 10 -3.17 -2.77 -2.12
N PRO A 11 -2.19 -3.11 -2.97
CA PRO A 11 -1.79 -4.51 -3.20
C PRO A 11 -1.09 -5.12 -1.98
N TRP A 12 -0.21 -4.33 -1.36
CA TRP A 12 0.54 -4.78 -0.20
C TRP A 12 -0.40 -5.39 0.84
N TYR A 13 -1.61 -4.85 0.91
CA TYR A 13 -2.61 -5.33 1.88
C TYR A 13 -2.62 -6.85 1.92
N VAL A 14 -2.87 -7.47 0.77
CA VAL A 14 -2.91 -8.92 0.68
C VAL A 14 -1.81 -9.56 1.52
N TRP A 15 -0.65 -8.89 1.57
CA TRP A 15 0.48 -9.39 2.34
C TRP A 15 0.42 -8.91 3.78
N LEU A 16 0.32 -7.58 3.96
CA LEU A 16 0.26 -6.99 5.29
C LEU A 16 -0.93 -6.05 5.41
N GLY A 17 -1.84 -6.36 6.33
CA GLY A 17 -3.02 -5.53 6.53
C GLY A 17 -4.25 -6.11 5.86
N PHE A 18 -4.07 -7.17 5.10
CA PHE A 18 -5.18 -7.82 4.41
C PHE A 18 -6.34 -8.08 5.37
N LEU A 1 5.65 13.04 -2.06
CA LEU A 1 5.87 12.75 -0.64
C LEU A 1 4.64 12.10 -0.02
N GLY A 2 4.55 10.78 -0.16
CA GLY A 2 3.42 10.05 0.40
C GLY A 2 2.40 9.67 -0.65
N LYS A 3 2.81 9.70 -1.91
CA LYS A 3 1.93 9.35 -3.01
C LYS A 3 2.03 7.87 -3.36
N TYR A 4 3.23 7.32 -3.26
CA TYR A 4 3.47 5.91 -3.55
C TYR A 4 2.91 5.03 -2.44
N GLU A 5 3.28 5.32 -1.21
CA GLU A 5 2.82 4.56 -0.06
C GLU A 5 1.29 4.65 0.08
N GLN A 6 0.69 5.50 -0.73
CA GLN A 6 -0.75 5.70 -0.70
C GLN A 6 -1.44 4.82 -1.73
N TYR A 7 -0.80 4.64 -2.88
CA TYR A 7 -1.35 3.82 -3.95
C TYR A 7 -0.71 2.43 -3.95
N ILE A 8 0.46 2.33 -3.33
CA ILE A 8 1.18 1.06 -3.27
C ILE A 8 0.72 0.22 -2.07
N LYS A 9 0.04 0.88 -1.13
CA LYS A 9 -0.46 0.21 0.06
C LYS A 9 -1.71 -0.61 -0.25
N TRP A 10 -2.22 -0.45 -1.46
CA TRP A 10 -3.42 -1.17 -1.89
C TRP A 10 -3.13 -2.67 -2.05
N PRO A 11 -2.16 -2.99 -2.92
CA PRO A 11 -1.77 -4.38 -3.17
C PRO A 11 -1.05 -5.02 -1.99
N TRP A 12 -0.17 -4.25 -1.36
CA TRP A 12 0.58 -4.74 -0.21
C TRP A 12 -0.36 -5.35 0.83
N TYR A 13 -1.56 -4.81 0.93
CA TYR A 13 -2.55 -5.31 1.88
C TYR A 13 -2.57 -6.84 1.89
N VAL A 14 -2.82 -7.42 0.73
CA VAL A 14 -2.86 -8.89 0.61
C VAL A 14 -1.75 -9.53 1.42
N TRP A 15 -0.60 -8.87 1.48
CA TRP A 15 0.53 -9.39 2.23
C TRP A 15 0.49 -8.94 3.68
N LEU A 16 0.40 -7.64 3.89
CA LEU A 16 0.34 -7.06 5.23
C LEU A 16 -0.84 -6.13 5.38
N GLY A 17 -1.75 -6.45 6.31
CA GLY A 17 -2.91 -5.62 6.53
C GLY A 17 -4.16 -6.18 5.87
N PHE A 18 -3.98 -7.24 5.08
CA PHE A 18 -5.10 -7.86 4.38
C PHE A 18 -6.26 -8.13 5.34
N LEU A 1 6.47 12.29 -2.36
CA LEU A 1 6.46 12.46 -0.91
C LEU A 1 5.15 11.97 -0.31
N GLY A 2 4.97 10.65 -0.29
CA GLY A 2 3.75 10.08 0.27
C GLY A 2 2.74 9.72 -0.80
N LYS A 3 3.21 9.61 -2.04
CA LYS A 3 2.34 9.27 -3.17
C LYS A 3 2.41 7.79 -3.48
N TYR A 4 3.60 7.21 -3.34
CA TYR A 4 3.80 5.80 -3.62
C TYR A 4 3.19 4.93 -2.50
N GLU A 5 3.55 5.24 -1.26
CA GLU A 5 3.04 4.50 -0.12
C GLU A 5 1.52 4.64 -0.01
N GLN A 6 0.96 5.50 -0.85
CA GLN A 6 -0.49 5.73 -0.84
C GLN A 6 -1.18 4.85 -1.89
N TYR A 7 -0.51 4.64 -3.02
CA TYR A 7 -1.06 3.82 -4.09
C TYR A 7 -0.45 2.41 -4.07
N ILE A 8 0.70 2.28 -3.41
CA ILE A 8 1.37 1.00 -3.31
C ILE A 8 0.88 0.20 -2.11
N LYS A 9 0.19 0.88 -1.19
CA LYS A 9 -0.35 0.24 0.00
C LYS A 9 -1.62 -0.54 -0.33
N TRP A 10 -2.09 -0.39 -1.57
CA TRP A 10 -3.30 -1.09 -2.00
C TRP A 10 -3.05 -2.58 -2.13
N PRO A 11 -2.07 -2.95 -2.97
CA PRO A 11 -1.71 -4.35 -3.20
C PRO A 11 -1.04 -4.99 -1.98
N TRP A 12 -0.14 -4.24 -1.35
CA TRP A 12 0.57 -4.73 -0.18
C TRP A 12 -0.41 -5.30 0.85
N TYR A 13 -1.60 -4.73 0.92
CA TYR A 13 -2.61 -5.18 1.86
C TYR A 13 -2.68 -6.70 1.88
N VAL A 14 -2.92 -7.31 0.73
CA VAL A 14 -3.00 -8.76 0.63
C VAL A 14 -1.93 -9.44 1.47
N TRP A 15 -0.77 -8.80 1.56
CA TRP A 15 0.35 -9.34 2.33
C TRP A 15 0.28 -8.86 3.77
N LEU A 16 0.21 -7.55 3.96
CA LEU A 16 0.15 -6.96 5.30
C LEU A 16 -1.02 -5.98 5.41
N GLY A 17 -1.94 -6.27 6.30
CA GLY A 17 -3.09 -5.41 6.49
C GLY A 17 -4.34 -5.95 5.82
N PHE A 18 -4.17 -7.02 5.05
CA PHE A 18 -5.29 -7.63 4.34
C PHE A 18 -6.47 -7.86 5.28
N LEU A 1 6.18 12.15 -2.25
CA LEU A 1 5.94 12.60 -0.89
C LEU A 1 4.62 12.01 -0.35
N GLY A 2 4.66 10.72 -0.01
CA GLY A 2 3.47 10.07 0.52
C GLY A 2 2.48 9.72 -0.57
N LYS A 3 2.95 9.69 -1.81
CA LYS A 3 2.09 9.36 -2.95
C LYS A 3 2.19 7.88 -3.30
N TYR A 4 3.39 7.33 -3.18
CA TYR A 4 3.62 5.92 -3.48
C TYR A 4 3.01 5.03 -2.40
N GLU A 5 3.38 5.29 -1.14
CA GLU A 5 2.86 4.51 -0.03
C GLU A 5 1.34 4.62 0.08
N GLN A 6 0.77 5.51 -0.73
CA GLN A 6 -0.68 5.71 -0.73
C GLN A 6 -1.35 4.84 -1.80
N TYR A 7 -0.67 4.67 -2.93
CA TYR A 7 -1.20 3.87 -4.02
C TYR A 7 -0.59 2.48 -4.02
N ILE A 8 0.58 2.35 -3.39
CA ILE A 8 1.27 1.07 -3.32
C ILE A 8 0.79 0.25 -2.13
N LYS A 9 0.11 0.90 -1.20
CA LYS A 9 -0.41 0.24 -0.01
C LYS A 9 -1.67 -0.56 -0.34
N TRP A 10 -2.16 -0.40 -1.56
CA TRP A 10 -3.36 -1.11 -1.99
C TRP A 10 -3.08 -2.60 -2.14
N PRO A 11 -2.11 -2.94 -3.00
CA PRO A 11 -1.73 -4.34 -3.25
C PRO A 11 -1.03 -4.97 -2.05
N TRP A 12 -0.15 -4.21 -1.41
CA TRP A 12 0.58 -4.71 -0.25
C TRP A 12 -0.38 -5.31 0.78
N TYR A 13 -1.58 -4.75 0.86
CA TYR A 13 -2.58 -5.24 1.80
C TYR A 13 -2.62 -6.76 1.82
N VAL A 14 -2.86 -7.35 0.65
CA VAL A 14 -2.92 -8.81 0.54
C VAL A 14 -1.83 -9.47 1.37
N TRP A 15 -0.67 -8.83 1.44
CA TRP A 15 0.45 -9.35 2.20
C TRP A 15 0.39 -8.89 3.65
N LEU A 16 0.31 -7.58 3.85
CA LEU A 16 0.25 -7.01 5.19
C LEU A 16 -0.93 -6.06 5.32
N GLY A 17 -1.84 -6.37 6.24
CA GLY A 17 -3.00 -5.52 6.44
C GLY A 17 -4.24 -6.07 5.77
N PHE A 18 -4.08 -7.13 4.99
CA PHE A 18 -5.19 -7.75 4.29
C PHE A 18 -6.36 -8.00 5.24
N LEU A 1 5.70 13.06 -2.70
CA LEU A 1 5.87 12.61 -1.32
C LEU A 1 4.56 12.08 -0.76
N GLY A 2 4.55 10.79 -0.41
CA GLY A 2 3.35 10.18 0.12
C GLY A 2 2.35 9.79 -0.95
N LYS A 3 2.83 9.70 -2.19
CA LYS A 3 1.98 9.34 -3.31
C LYS A 3 2.09 7.84 -3.61
N TYR A 4 3.30 7.30 -3.48
CA TYR A 4 3.53 5.88 -3.74
C TYR A 4 2.94 5.02 -2.63
N GLU A 5 3.31 5.33 -1.39
CA GLU A 5 2.80 4.57 -0.24
C GLU A 5 1.29 4.68 -0.15
N GLN A 6 0.70 5.53 -0.97
CA GLN A 6 -0.74 5.72 -0.98
C GLN A 6 -1.41 4.82 -2.01
N TYR A 7 -0.74 4.62 -3.14
CA TYR A 7 -1.27 3.78 -4.21
C TYR A 7 -0.64 2.39 -4.17
N ILE A 8 0.53 2.29 -3.54
CA ILE A 8 1.23 1.02 -3.43
C ILE A 8 0.76 0.23 -2.21
N LYS A 9 0.07 0.91 -1.30
CA LYS A 9 -0.44 0.28 -0.09
C LYS A 9 -1.69 -0.53 -0.39
N TRP A 10 -2.18 -0.43 -1.61
CA TRP A 10 -3.38 -1.15 -2.03
C TRP A 10 -3.09 -2.65 -2.13
N PRO A 11 -2.11 -3.01 -2.98
CA PRO A 11 -1.72 -4.41 -3.19
C PRO A 11 -1.02 -5.00 -1.97
N TRP A 12 -0.14 -4.22 -1.35
CA TRP A 12 0.60 -4.66 -0.19
C TRP A 12 -0.34 -5.24 0.86
N TYR A 13 -1.56 -4.70 0.92
CA TYR A 13 -2.56 -5.17 1.89
C TYR A 13 -2.58 -6.68 1.95
N VAL A 14 -2.82 -7.32 0.81
CA VAL A 14 -2.87 -8.77 0.74
C VAL A 14 -1.77 -9.40 1.58
N TRP A 15 -0.62 -8.73 1.64
CA TRP A 15 0.52 -9.24 2.41
C TRP A 15 0.46 -8.72 3.84
N LEU A 16 0.36 -7.41 4.01
CA LEU A 16 0.30 -6.80 5.33
C LEU A 16 -0.89 -5.85 5.43
N GLY A 17 -1.80 -6.15 6.36
CA GLY A 17 -2.97 -5.30 6.53
C GLY A 17 -4.21 -5.88 5.89
N PHE A 18 -4.03 -6.97 5.13
CA PHE A 18 -5.14 -7.62 4.45
C PHE A 18 -6.30 -7.85 5.41
N LEU A 1 5.64 13.14 -2.33
CA LEU A 1 5.84 12.53 -1.03
C LEU A 1 4.54 11.98 -0.47
N GLY A 2 4.49 10.65 -0.28
CA GLY A 2 3.29 10.03 0.25
C GLY A 2 2.31 9.65 -0.84
N LYS A 3 2.80 9.58 -2.07
CA LYS A 3 1.95 9.23 -3.21
C LYS A 3 2.06 7.74 -3.53
N TYR A 4 3.27 7.20 -3.39
CA TYR A 4 3.51 5.78 -3.66
C TYR A 4 2.91 4.91 -2.56
N GLU A 5 3.26 5.20 -1.32
CA GLU A 5 2.75 4.44 -0.18
C GLU A 5 1.24 4.55 -0.09
N GLN A 6 0.65 5.41 -0.93
CA GLN A 6 -0.80 5.60 -0.94
C GLN A 6 -1.45 4.71 -1.98
N TYR A 7 -0.77 4.51 -3.11
CA TYR A 7 -1.30 3.69 -4.19
C TYR A 7 -0.67 2.30 -4.16
N ILE A 8 0.50 2.20 -3.52
CA ILE A 8 1.20 0.92 -3.41
C ILE A 8 0.72 0.13 -2.21
N LYS A 9 0.02 0.79 -1.30
CA LYS A 9 -0.49 0.15 -0.10
C LYS A 9 -1.74 -0.66 -0.41
N TRP A 10 -2.23 -0.55 -1.65
CA TRP A 10 -3.43 -1.27 -2.07
C TRP A 10 -3.13 -2.76 -2.19
N PRO A 11 -2.15 -3.11 -3.03
CA PRO A 11 -1.76 -4.51 -3.26
C PRO A 11 -1.07 -5.11 -2.03
N TRP A 12 -0.19 -4.33 -1.41
CA TRP A 12 0.54 -4.79 -0.24
C TRP A 12 -0.42 -5.38 0.80
N TYR A 13 -1.62 -4.84 0.86
CA TYR A 13 -2.63 -5.31 1.81
C TYR A 13 -2.66 -6.84 1.86
N VAL A 14 -2.89 -7.46 0.71
CA VAL A 14 -2.93 -8.91 0.62
C VAL A 14 -1.84 -9.55 1.47
N TRP A 15 -0.69 -8.88 1.54
CA TRP A 15 0.43 -9.38 2.32
C TRP A 15 0.36 -8.90 3.76
N LEU A 16 0.27 -7.58 3.93
CA LEU A 16 0.19 -6.98 5.25
C LEU A 16 -1.00 -6.04 5.36
N GLY A 17 -1.91 -6.34 6.27
CA GLY A 17 -3.08 -5.50 6.46
C GLY A 17 -4.32 -6.07 5.79
N PHE A 18 -4.13 -7.15 5.02
CA PHE A 18 -5.24 -7.80 4.33
C PHE A 18 -6.41 -8.03 5.28
N LEU A 1 6.00 12.86 -1.87
CA LEU A 1 6.18 12.50 -0.47
C LEU A 1 4.88 11.97 0.13
N GLY A 2 4.66 10.67 0.01
CA GLY A 2 3.46 10.06 0.55
C GLY A 2 2.44 9.73 -0.53
N LYS A 3 2.91 9.67 -1.78
CA LYS A 3 2.04 9.35 -2.90
C LYS A 3 2.13 7.87 -3.26
N TYR A 4 3.33 7.32 -3.15
CA TYR A 4 3.54 5.90 -3.47
C TYR A 4 2.95 5.01 -2.40
N GLU A 5 3.33 5.26 -1.15
CA GLU A 5 2.83 4.47 -0.02
C GLU A 5 1.32 4.60 0.10
N GLN A 6 0.73 5.48 -0.69
CA GLN A 6 -0.71 5.70 -0.68
C GLN A 6 -1.40 4.84 -1.74
N TYR A 7 -0.74 4.67 -2.88
CA TYR A 7 -1.29 3.89 -3.97
C TYR A 7 -0.68 2.48 -4.00
N ILE A 8 0.48 2.35 -3.37
CA ILE A 8 1.17 1.07 -3.32
C ILE A 8 0.71 0.24 -2.12
N LYS A 9 0.04 0.89 -1.19
CA LYS A 9 -0.47 0.23 0.01
C LYS A 9 -1.74 -0.57 -0.31
N TRP A 10 -2.24 -0.40 -1.53
CA TRP A 10 -3.45 -1.10 -1.95
C TRP A 10 -3.18 -2.60 -2.12
N PRO A 11 -2.22 -2.94 -2.99
CA PRO A 11 -1.84 -4.33 -3.25
C PRO A 11 -1.14 -4.97 -2.06
N TRP A 12 -0.24 -4.23 -1.43
CA TRP A 12 0.50 -4.73 -0.28
C TRP A 12 -0.45 -5.33 0.76
N TYR A 13 -1.64 -4.77 0.85
CA TYR A 13 -2.64 -5.26 1.81
C TYR A 13 -2.68 -6.78 1.81
N VAL A 14 -2.94 -7.37 0.66
CA VAL A 14 -3.01 -8.82 0.53
C VAL A 14 -1.91 -9.50 1.34
N TRP A 15 -0.75 -8.85 1.40
CA TRP A 15 0.38 -9.39 2.14
C TRP A 15 0.34 -8.93 3.61
N LEU A 16 0.27 -7.62 3.81
CA LEU A 16 0.23 -7.06 5.15
C LEU A 16 -0.95 -6.10 5.30
N GLY A 17 -1.85 -6.41 6.23
CA GLY A 17 -3.00 -5.57 6.45
C GLY A 17 -4.26 -6.10 5.79
N PHE A 18 -4.10 -7.16 5.00
CA PHE A 18 -5.23 -7.77 4.30
C PHE A 18 -6.39 -8.02 5.27
#